data_4LN7
#
_entry.id   4LN7
#
_cell.length_a   89.658
_cell.length_b   101.049
_cell.length_c   66.616
_cell.angle_alpha   90.00
_cell.angle_beta   90.00
_cell.angle_gamma   90.00
#
_symmetry.space_group_name_H-M   'C 2 2 21'
#
loop_
_entity.id
_entity.type
_entity.pdbx_description
1 polymer 'POLYMERASE PA'
2 non-polymer 'MANGANESE (II) ION'
3 non-polymer 1,2-ETHANEDIOL
4 non-polymer 'SULFATE ION'
5 non-polymer 5,6-bis(4-fluorophenyl)pyridine-2,3-diol
6 non-polymer 'MAGNESIUM ION'
7 water water
#
_entity_poly.entity_id   1
_entity_poly.type   'polypeptide(L)'
_entity_poly.pdbx_seq_one_letter_code
;GPLGSMEDFVRQCFNPMIVELAEKAMKEYGEDPKIETNKFAAICTHLEVCFMYSDFHFIDERGESIIVESGDPNALLKHR
FEIIEGRDRIMAWTVVNSICNTTGVEKPKFLPDLYDYKENRFIEIGVTRREVHIYYLEKANKIKSEKTHIHIFSFTGEEM
ATKADYTLDEESRARIKTRLFTIRQEMASRSLWDSFRQSERGEETVEER
;
_entity_poly.pdbx_strand_id   A
#
# COMPACT_ATOMS: atom_id res chain seq x y z
N GLY A 1 -26.32 12.62 10.22
CA GLY A 1 -26.47 12.97 8.78
C GLY A 1 -27.08 11.84 7.97
N PRO A 2 -27.26 12.07 6.66
CA PRO A 2 -27.78 11.02 5.76
C PRO A 2 -26.69 9.98 5.57
N LEU A 3 -27.08 8.72 5.41
CA LEU A 3 -26.09 7.68 5.17
C LEU A 3 -25.78 7.63 3.69
N GLY A 4 -24.52 7.78 3.37
CA GLY A 4 -24.04 7.72 2.00
C GLY A 4 -23.81 6.29 1.59
N SER A 5 -23.47 6.11 0.32
CA SER A 5 -23.06 4.80 -0.17
C SER A 5 -21.54 4.77 -0.28
N MET A 6 -20.99 3.61 0.07
CA MET A 6 -19.58 3.39 -0.02
C MET A 6 -19.13 3.46 -1.50
N GLU A 7 -20.00 3.00 -2.41
CA GLU A 7 -19.74 3.10 -3.86
C GLU A 7 -19.43 4.55 -4.26
N ASP A 8 -20.34 5.44 -3.89
CA ASP A 8 -20.18 6.87 -4.13
C ASP A 8 -18.88 7.39 -3.53
N PHE A 9 -18.57 7.02 -2.29
CA PHE A 9 -17.39 7.51 -1.63
C PHE A 9 -16.12 7.09 -2.40
N VAL A 10 -16.05 5.82 -2.76
CA VAL A 10 -14.88 5.30 -3.45
C VAL A 10 -14.70 6.01 -4.80
N ARG A 11 -15.78 6.21 -5.55
CA ARG A 11 -15.67 6.85 -6.84
C ARG A 11 -15.37 8.33 -6.75
N GLN A 12 -15.81 8.97 -5.69
CA GLN A 12 -15.57 10.41 -5.52
C GLN A 12 -14.17 10.69 -4.97
N CYS A 13 -13.69 9.83 -4.07
CA CYS A 13 -12.47 10.12 -3.31
C CYS A 13 -11.17 9.43 -3.76
N PHE A 14 -11.25 8.48 -4.69
CA PHE A 14 -10.06 7.84 -5.25
C PHE A 14 -9.93 8.12 -6.74
N ASN A 15 -8.70 8.24 -7.22
CA ASN A 15 -8.40 8.38 -8.63
C ASN A 15 -9.06 7.23 -9.41
N PRO A 16 -9.60 7.52 -10.60
CA PRO A 16 -10.20 6.44 -11.40
C PRO A 16 -9.22 5.30 -11.68
N MET A 17 -7.94 5.60 -11.81
CA MET A 17 -6.96 4.54 -12.06
C MET A 17 -6.94 3.55 -10.91
N ILE A 18 -6.87 4.08 -9.68
CA ILE A 18 -6.92 3.23 -8.49
C ILE A 18 -8.18 2.38 -8.41
N VAL A 19 -9.34 3.01 -8.64
CA VAL A 19 -10.62 2.32 -8.57
C VAL A 19 -10.67 1.16 -9.59
N GLU A 20 -10.21 1.43 -10.79
CA GLU A 20 -10.18 0.43 -11.84
C GLU A 20 -9.27 -0.75 -11.48
N LEU A 21 -8.09 -0.46 -10.94
CA LEU A 21 -7.17 -1.51 -10.51
C LEU A 21 -7.77 -2.34 -9.36
N ALA A 22 -8.51 -1.69 -8.46
CA ALA A 22 -9.15 -2.39 -7.35
C ALA A 22 -10.27 -3.28 -7.85
N GLU A 23 -11.07 -2.78 -8.79
CA GLU A 23 -12.14 -3.61 -9.35
C GLU A 23 -11.59 -4.85 -10.03
N LYS A 24 -10.48 -4.67 -10.74
CA LYS A 24 -9.87 -5.78 -11.47
C LYS A 24 -9.33 -6.83 -10.51
N ALA A 25 -8.72 -6.37 -9.43
CA ALA A 25 -8.20 -7.26 -8.40
C ALA A 25 -9.33 -8.05 -7.75
N MET A 26 -10.45 -7.39 -7.43
CA MET A 26 -11.59 -8.11 -6.85
C MET A 26 -12.17 -9.16 -7.79
N LYS A 27 -12.29 -8.80 -9.07
CA LYS A 27 -12.78 -9.74 -10.07
C LYS A 27 -11.89 -10.98 -10.12
N GLU A 28 -10.58 -10.76 -10.06
CA GLU A 28 -9.63 -11.87 -10.16
C GLU A 28 -9.77 -12.82 -8.98
N TYR A 29 -10.09 -12.27 -7.81
CA TYR A 29 -10.19 -13.07 -6.60
C TYR A 29 -11.64 -13.49 -6.29
N GLY A 30 -12.55 -13.14 -7.18
CA GLY A 30 -13.90 -13.69 -7.17
C GLY A 30 -14.94 -12.97 -6.31
N GLU A 31 -14.75 -11.67 -6.09
CA GLU A 31 -15.68 -10.90 -5.27
C GLU A 31 -16.17 -9.68 -6.01
N ASP A 32 -17.38 -9.24 -5.66
CA ASP A 32 -18.02 -8.14 -6.37
C ASP A 32 -17.89 -6.86 -5.57
N PRO A 33 -17.29 -5.81 -6.18
CA PRO A 33 -17.14 -4.52 -5.51
C PRO A 33 -18.47 -3.93 -5.03
N LYS A 34 -19.59 -4.28 -5.64
CA LYS A 34 -20.88 -3.69 -5.25
C LYS A 34 -21.54 -4.43 -4.11
N ILE A 35 -20.95 -5.54 -3.74
CA ILE A 35 -21.43 -6.38 -2.65
C ILE A 35 -20.45 -6.24 -1.47
N GLU A 36 -19.16 -6.54 -1.69
CA GLU A 36 -18.22 -6.36 -0.59
C GLU A 36 -17.61 -4.97 -0.74
N THR A 37 -18.37 -4.01 -0.23
CA THR A 37 -18.04 -2.62 -0.46
C THR A 37 -17.02 -2.11 0.52
N ASN A 38 -17.06 -2.62 1.74
CA ASN A 38 -16.03 -2.23 2.71
C ASN A 38 -14.69 -2.78 2.21
N LYS A 39 -14.71 -3.99 1.65
CA LYS A 39 -13.46 -4.58 1.14
C LYS A 39 -12.92 -3.75 -0.04
N PHE A 40 -13.81 -3.33 -0.92
CA PHE A 40 -13.50 -2.48 -2.06
C PHE A 40 -12.77 -1.21 -1.60
N ALA A 41 -13.32 -0.54 -0.60
CA ALA A 41 -12.70 0.68 -0.09
C ALA A 41 -11.34 0.41 0.56
N ALA A 42 -11.23 -0.72 1.26
CA ALA A 42 -9.96 -1.13 1.85
C ALA A 42 -8.89 -1.39 0.77
N ILE A 43 -9.28 -2.02 -0.32
CA ILE A 43 -8.36 -2.33 -1.42
C ILE A 43 -7.86 -1.02 -2.03
N CYS A 44 -8.78 -0.10 -2.31
CA CYS A 44 -8.39 1.19 -2.87
C CYS A 44 -7.44 1.95 -1.94
N THR A 45 -7.76 1.95 -0.65
CA THR A 45 -6.96 2.65 0.35
C THR A 45 -5.55 2.10 0.40
N HIS A 46 -5.44 0.78 0.49
CA HIS A 46 -4.15 0.10 0.50
C HIS A 46 -3.35 0.33 -0.81
N LEU A 47 -4.02 0.30 -1.95
CA LEU A 47 -3.33 0.53 -3.22
C LEU A 47 -2.79 1.96 -3.22
N GLU A 48 -3.61 2.89 -2.77
CA GLU A 48 -3.16 4.29 -2.76
C GLU A 48 -1.95 4.49 -1.85
N VAL A 49 -1.96 3.83 -0.70
CA VAL A 49 -0.84 3.93 0.22
C VAL A 49 0.43 3.38 -0.46
N CYS A 50 0.31 2.26 -1.14
CA CYS A 50 1.43 1.66 -1.86
C CYS A 50 2.00 2.64 -2.89
N PHE A 51 1.11 3.29 -3.63
CA PHE A 51 1.54 4.31 -4.59
C PHE A 51 2.20 5.53 -3.90
N MET A 52 1.64 5.98 -2.78
CA MET A 52 2.14 7.15 -2.10
C MET A 52 3.50 6.88 -1.46
N TYR A 53 3.72 5.63 -1.05
CA TYR A 53 4.97 5.20 -0.44
C TYR A 53 6.08 5.33 -1.47
N SER A 54 5.77 4.99 -2.72
CA SER A 54 6.73 5.03 -3.81
C SER A 54 6.93 6.42 -4.41
N ASP A 55 5.89 7.23 -4.35
CA ASP A 55 5.88 8.55 -5.00
C ASP A 55 7.08 9.40 -4.63
N PHE A 56 7.68 10.02 -5.64
CA PHE A 56 8.72 11.05 -5.49
C PHE A 56 10.09 10.50 -5.14
N HIS A 57 10.21 9.19 -4.96
CA HIS A 57 11.47 8.61 -4.52
C HIS A 57 12.25 8.03 -5.69
N PHE A 58 13.43 8.58 -5.90
CA PHE A 58 14.27 8.18 -7.03
C PHE A 58 15.67 7.90 -6.58
N ILE A 59 16.41 7.34 -7.51
CA ILE A 59 17.84 7.21 -7.34
C ILE A 59 18.51 7.97 -8.46
N ASP A 60 19.51 8.74 -8.08
CA ASP A 60 20.13 9.69 -8.98
C ASP A 60 21.30 9.11 -9.74
N GLU A 61 22.03 10.00 -10.42
CA GLU A 61 23.23 9.71 -11.19
C GLU A 61 24.32 8.99 -10.40
N ARG A 62 24.47 9.35 -9.13
CA ARG A 62 25.52 8.79 -8.30
C ARG A 62 25.07 7.48 -7.68
N GLY A 63 23.78 7.17 -7.82
CA GLY A 63 23.25 5.90 -7.36
C GLY A 63 22.72 5.90 -5.94
N GLU A 64 22.49 7.07 -5.36
CA GLU A 64 21.89 7.14 -4.03
C GLU A 64 20.51 7.80 -4.09
N SER A 65 19.83 7.82 -2.95
CA SER A 65 18.41 8.08 -2.91
C SER A 65 18.07 9.54 -2.65
N ILE A 66 17.11 10.06 -3.42
CA ILE A 66 16.65 11.43 -3.28
C ILE A 66 15.16 11.53 -3.59
N ILE A 67 14.62 12.68 -3.24
CA ILE A 67 13.20 12.96 -3.35
C ILE A 67 13.03 14.10 -4.34
N VAL A 68 12.17 13.89 -5.33
CA VAL A 68 11.82 14.94 -6.26
C VAL A 68 10.32 15.00 -6.24
N GLU A 69 9.77 16.07 -5.66
CA GLU A 69 8.34 16.17 -5.39
C GLU A 69 7.61 16.85 -6.54
N SER A 70 8.37 17.20 -7.56
CA SER A 70 7.83 17.89 -8.71
C SER A 70 7.84 16.91 -9.88
N GLY A 71 6.89 17.06 -10.79
CA GLY A 71 6.65 16.06 -11.81
C GLY A 71 7.66 16.10 -12.94
N ASP A 72 8.81 16.71 -12.69
CA ASP A 72 9.83 16.82 -13.72
C ASP A 72 11.10 16.09 -13.32
N PRO A 73 10.99 14.76 -13.13
CA PRO A 73 12.20 14.03 -12.76
C PRO A 73 13.16 14.01 -13.93
N ASN A 74 14.42 14.37 -13.66
CA ASN A 74 15.41 14.38 -14.71
C ASN A 74 15.70 12.97 -15.20
N ALA A 75 15.96 12.84 -16.49
CA ALA A 75 15.85 11.57 -17.19
C ALA A 75 16.82 10.48 -16.72
N LEU A 76 17.88 10.87 -16.03
CA LEU A 76 18.86 9.89 -15.57
C LEU A 76 18.44 9.23 -14.26
N LEU A 77 17.32 9.70 -13.72
CA LEU A 77 16.81 9.18 -12.46
C LEU A 77 16.02 7.90 -12.68
N LYS A 78 16.17 6.99 -11.73
CA LYS A 78 15.37 5.79 -11.71
C LYS A 78 14.51 5.73 -10.44
N HIS A 79 13.30 5.20 -10.59
CA HIS A 79 12.41 5.03 -9.45
C HIS A 79 13.08 4.14 -8.42
N ARG A 80 12.96 4.52 -7.15
CA ARG A 80 13.54 3.76 -6.06
C ARG A 80 12.79 2.47 -5.81
N PHE A 81 11.48 2.51 -5.99
CA PHE A 81 10.64 1.37 -5.69
C PHE A 81 10.08 0.77 -6.96
N GLU A 82 9.98 -0.57 -6.97
CA GLU A 82 9.16 -1.29 -7.93
C GLU A 82 7.84 -1.55 -7.21
N ILE A 83 6.73 -1.28 -7.89
CA ILE A 83 5.42 -1.52 -7.32
C ILE A 83 4.87 -2.84 -7.84
N ILE A 84 4.48 -3.69 -6.90
CA ILE A 84 3.99 -5.04 -7.18
C ILE A 84 2.47 -5.04 -7.06
N GLU A 85 1.95 -4.52 -5.93
CA GLU A 85 0.52 -4.40 -5.73
C GLU A 85 -0.12 -3.61 -6.90
N GLY A 86 -1.32 -4.00 -7.30
CA GLY A 86 -2.01 -3.37 -8.41
C GLY A 86 -1.87 -4.12 -9.74
N ARG A 87 -0.85 -4.96 -9.83
CA ARG A 87 -0.67 -5.82 -11.00
C ARG A 87 -1.54 -7.07 -10.87
N ASP A 88 -1.95 -7.65 -11.99
CA ASP A 88 -2.66 -8.93 -11.94
C ASP A 88 -1.68 -10.04 -11.54
N ARG A 89 -2.23 -11.18 -11.16
CA ARG A 89 -1.44 -12.26 -10.62
C ARG A 89 -0.21 -12.59 -11.47
N ILE A 90 -0.41 -12.82 -12.77
CA ILE A 90 0.67 -13.25 -13.64
C ILE A 90 1.76 -12.18 -13.74
N MET A 91 1.35 -10.94 -13.94
CA MET A 91 2.32 -9.85 -14.05
C MET A 91 3.06 -9.58 -12.75
N ALA A 92 2.35 -9.68 -11.63
CA ALA A 92 2.97 -9.46 -10.32
C ALA A 92 4.11 -10.46 -10.08
N TRP A 93 3.83 -11.74 -10.34
CA TRP A 93 4.84 -12.77 -10.14
C TRP A 93 5.96 -12.66 -11.16
N THR A 94 5.62 -12.19 -12.35
CA THR A 94 6.62 -11.99 -13.38
C THR A 94 7.65 -10.94 -12.89
N VAL A 95 7.18 -9.84 -12.31
CA VAL A 95 8.03 -8.78 -11.75
C VAL A 95 8.86 -9.28 -10.57
N VAL A 96 8.21 -9.97 -9.65
CA VAL A 96 8.89 -10.55 -8.50
C VAL A 96 9.98 -11.56 -8.90
N ASN A 97 9.67 -12.49 -9.79
CA ASN A 97 10.66 -13.49 -10.17
C ASN A 97 11.85 -12.82 -10.84
N SER A 98 11.57 -11.79 -11.61
CA SER A 98 12.61 -11.03 -12.31
C SER A 98 13.62 -10.43 -11.32
N ILE A 99 13.08 -9.71 -10.36
CA ILE A 99 13.87 -9.06 -9.32
C ILE A 99 14.73 -10.08 -8.60
N CYS A 100 14.12 -11.22 -8.29
CA CYS A 100 14.75 -12.27 -7.49
C CYS A 100 15.88 -13.01 -8.18
N ASN A 101 15.63 -13.43 -9.42
CA ASN A 101 16.63 -14.13 -10.19
C ASN A 101 17.81 -13.20 -10.47
N THR A 102 17.50 -11.91 -10.52
CA THR A 102 18.48 -10.88 -10.87
C THR A 102 19.34 -10.48 -9.67
N THR A 103 18.72 -10.33 -8.49
CA THR A 103 19.44 -9.91 -7.29
C THR A 103 19.94 -11.03 -6.37
N GLY A 104 19.46 -12.25 -6.58
CA GLY A 104 19.73 -13.34 -5.65
C GLY A 104 18.83 -13.32 -4.41
N VAL A 105 18.15 -12.20 -4.19
CA VAL A 105 17.13 -12.11 -3.14
C VAL A 105 16.18 -13.27 -3.36
N GLU A 106 15.98 -14.10 -2.35
CA GLU A 106 15.22 -15.33 -2.56
C GLU A 106 13.76 -15.02 -2.76
N LYS A 107 13.05 -15.94 -3.41
CA LYS A 107 11.68 -15.65 -3.82
C LYS A 107 10.76 -15.68 -2.62
N PRO A 108 9.99 -14.60 -2.44
CA PRO A 108 8.95 -14.64 -1.42
C PRO A 108 7.93 -15.68 -1.83
N LYS A 109 7.28 -16.29 -0.84
CA LYS A 109 6.25 -17.27 -1.10
C LYS A 109 4.84 -16.67 -1.27
N PHE A 110 4.65 -15.44 -0.81
CA PHE A 110 3.44 -14.66 -1.06
C PHE A 110 3.84 -13.35 -1.73
N LEU A 111 2.97 -12.81 -2.60
CA LEU A 111 3.28 -11.55 -3.25
C LEU A 111 3.43 -10.41 -2.23
N PRO A 112 4.59 -9.73 -2.24
CA PRO A 112 4.73 -8.49 -1.45
C PRO A 112 4.15 -7.31 -2.23
N ASP A 113 4.19 -6.13 -1.61
CA ASP A 113 3.69 -4.90 -2.23
C ASP A 113 4.65 -4.07 -3.08
N LEU A 114 5.90 -3.96 -2.63
CA LEU A 114 6.91 -3.15 -3.27
C LEU A 114 8.25 -3.86 -3.19
N TYR A 115 9.17 -3.41 -4.02
CA TYR A 115 10.58 -3.72 -3.86
C TYR A 115 11.37 -2.41 -3.77
N ASP A 116 12.28 -2.36 -2.82
CA ASP A 116 13.10 -1.18 -2.53
C ASP A 116 14.50 -1.42 -3.08
N TYR A 117 14.84 -0.68 -4.14
CA TYR A 117 16.17 -0.81 -4.74
C TYR A 117 17.29 -0.17 -3.91
N LYS A 118 16.96 0.71 -2.96
CA LYS A 118 17.98 1.29 -2.08
C LYS A 118 18.33 0.30 -0.98
N GLU A 119 17.32 -0.23 -0.30
CA GLU A 119 17.53 -1.12 0.82
C GLU A 119 17.61 -2.59 0.38
N ASN A 120 17.39 -2.83 -0.91
CA ASN A 120 17.48 -4.17 -1.50
C ASN A 120 16.60 -5.22 -0.80
N ARG A 121 15.33 -4.91 -0.68
CA ARG A 121 14.39 -5.81 -0.01
C ARG A 121 12.97 -5.56 -0.47
N PHE A 122 12.17 -6.62 -0.41
CA PHE A 122 10.74 -6.49 -0.62
C PHE A 122 10.11 -5.87 0.62
N ILE A 123 8.99 -5.18 0.39
CA ILE A 123 8.21 -4.57 1.44
C ILE A 123 6.77 -5.06 1.36
N GLU A 124 6.22 -5.43 2.51
CA GLU A 124 4.78 -5.62 2.69
C GLU A 124 4.20 -4.42 3.43
N ILE A 125 3.23 -3.76 2.80
CA ILE A 125 2.54 -2.61 3.35
C ILE A 125 1.25 -3.09 3.99
N GLY A 126 1.03 -2.78 5.24
CA GLY A 126 -0.29 -2.93 5.85
C GLY A 126 -1.00 -1.61 6.12
N VAL A 127 -2.31 -1.63 6.00
CA VAL A 127 -3.16 -0.53 6.43
C VAL A 127 -4.24 -1.18 7.26
N THR A 128 -4.35 -0.76 8.53
CA THR A 128 -5.27 -1.42 9.47
C THR A 128 -6.19 -0.44 10.15
N ARG A 129 -7.41 -0.91 10.39
CA ARG A 129 -8.40 -0.21 11.17
C ARG A 129 -8.33 -0.67 12.64
N ARG A 130 -7.42 -1.59 12.94
CA ARG A 130 -7.21 -2.05 14.31
C ARG A 130 -5.87 -1.60 14.85
N GLU A 131 -5.40 -2.21 15.92
CA GLU A 131 -4.13 -1.79 16.53
C GLU A 131 -2.96 -2.31 15.68
N VAL A 132 -1.93 -1.48 15.49
CA VAL A 132 -0.84 -1.82 14.58
C VAL A 132 -0.02 -3.02 15.03
N HIS A 133 0.14 -3.21 16.33
CA HIS A 133 0.94 -4.33 16.82
C HIS A 133 0.30 -5.67 16.47
N ILE A 134 -1.01 -5.78 16.66
CA ILE A 134 -1.72 -7.02 16.37
C ILE A 134 -1.65 -7.33 14.89
N TYR A 135 -1.85 -6.32 14.05
CA TYR A 135 -1.84 -6.51 12.61
C TYR A 135 -0.43 -6.83 12.13
N TYR A 136 0.57 -6.23 12.75
CA TYR A 136 1.96 -6.54 12.41
C TYR A 136 2.22 -8.03 12.62
N LEU A 137 1.82 -8.55 13.76
CA LEU A 137 2.08 -9.96 14.07
C LEU A 137 1.37 -10.86 13.08
N GLU A 138 0.16 -10.50 12.69
CA GLU A 138 -0.59 -11.28 11.70
C GLU A 138 0.16 -11.35 10.37
N LYS A 139 0.61 -10.20 9.87
CA LYS A 139 1.39 -10.14 8.64
C LYS A 139 2.66 -10.95 8.78
N ALA A 140 3.35 -10.73 9.89
CA ALA A 140 4.62 -11.41 10.14
C ALA A 140 4.45 -12.92 10.15
N ASN A 141 3.30 -13.43 10.60
CA ASN A 141 3.11 -14.87 10.70
C ASN A 141 2.95 -15.60 9.36
N LYS A 142 2.73 -14.85 8.29
CA LYS A 142 2.74 -15.44 6.95
C LYS A 142 4.18 -15.36 6.46
N ILE A 143 5.04 -14.80 7.30
CA ILE A 143 6.45 -14.70 6.98
C ILE A 143 7.38 -15.14 8.12
N LYS A 144 8.00 -16.28 7.94
CA LYS A 144 9.05 -17.08 8.55
C LYS A 144 10.32 -16.82 7.76
N SER A 145 10.17 -16.01 6.72
CA SER A 145 11.28 -15.49 5.95
C SER A 145 12.26 -14.67 6.80
N GLU A 146 11.75 -13.56 7.35
CA GLU A 146 12.53 -12.50 8.03
C GLU A 146 13.12 -11.46 7.05
N LYS A 147 13.14 -11.81 5.74
CA LYS A 147 13.68 -10.90 4.71
C LYS A 147 12.72 -9.84 4.19
N THR A 148 11.45 -10.19 3.97
CA THR A 148 10.46 -9.19 3.58
C THR A 148 10.20 -8.22 4.72
N HIS A 149 10.34 -6.93 4.44
CA HIS A 149 10.20 -5.89 5.44
C HIS A 149 8.74 -5.50 5.55
N ILE A 150 8.25 -5.34 6.78
CA ILE A 150 6.83 -5.02 7.01
C ILE A 150 6.68 -3.59 7.50
N HIS A 151 5.76 -2.84 6.89
CA HIS A 151 5.47 -1.49 7.34
C HIS A 151 3.96 -1.31 7.43
N ILE A 152 3.47 -1.13 8.65
CA ILE A 152 2.04 -1.00 8.94
C ILE A 152 1.68 0.44 9.28
N PHE A 153 0.58 0.92 8.71
CA PHE A 153 -0.01 2.22 9.05
C PHE A 153 -1.40 1.97 9.58
N SER A 154 -1.83 2.79 10.54
CA SER A 154 -3.22 2.77 10.96
C SER A 154 -3.87 4.08 10.55
N PHE A 155 -5.17 4.17 10.74
CA PHE A 155 -5.91 5.36 10.34
C PHE A 155 -5.83 6.46 11.41
N THR A 156 -5.24 6.12 12.56
CA THR A 156 -5.01 7.08 13.64
C THR A 156 -3.56 7.60 13.75
N GLY A 157 -2.69 7.21 12.83
CA GLY A 157 -1.35 7.77 12.76
C GLY A 157 -0.25 6.90 13.35
N GLU A 158 -0.63 5.79 13.95
CA GLU A 158 0.37 4.85 14.49
C GLU A 158 1.02 4.09 13.35
N GLU A 159 2.29 3.72 13.54
CA GLU A 159 2.98 2.86 12.58
C GLU A 159 3.77 1.82 13.35
N MET A 160 4.04 0.71 12.67
CA MET A 160 4.98 -0.27 13.15
C MET A 160 5.73 -0.82 11.96
N ALA A 161 7.04 -0.92 12.09
CA ALA A 161 7.86 -1.45 11.00
C ALA A 161 8.89 -2.40 11.54
N THR A 162 9.27 -3.35 10.70
CA THR A 162 10.27 -4.35 11.04
C THR A 162 11.54 -3.69 11.55
N LYS A 163 12.02 -4.17 12.69
CA LYS A 163 13.26 -3.74 13.33
C LYS A 163 13.31 -2.23 13.61
N ALA A 164 12.13 -1.64 13.71
CA ALA A 164 11.96 -0.20 13.93
C ALA A 164 12.70 0.60 12.87
N ASP A 165 12.73 0.02 11.67
CA ASP A 165 13.32 0.62 10.49
C ASP A 165 12.17 1.07 9.56
N TYR A 166 11.99 2.39 9.49
CA TYR A 166 10.79 2.96 8.87
C TYR A 166 10.95 3.33 7.39
N THR A 167 12.16 3.14 6.88
CA THR A 167 12.52 3.20 5.44
C THR A 167 12.44 4.59 4.82
N LEU A 168 11.39 5.34 5.16
CA LEU A 168 11.15 6.66 4.57
C LEU A 168 11.30 7.73 5.64
N ASP A 169 11.58 8.95 5.20
CA ASP A 169 11.63 10.16 5.99
C ASP A 169 10.25 10.47 6.58
N GLU A 170 10.25 11.32 7.60
CA GLU A 170 9.01 11.67 8.31
C GLU A 170 7.99 12.33 7.40
N GLU A 171 8.45 13.22 6.52
CA GLU A 171 7.51 13.94 5.66
C GLU A 171 6.74 12.99 4.72
N SER A 172 7.42 12.00 4.14
CA SER A 172 6.76 11.05 3.26
C SER A 172 5.71 10.25 4.00
N ARG A 173 6.08 9.77 5.18
CA ARG A 173 5.13 9.03 5.99
C ARG A 173 3.97 9.89 6.48
N ALA A 174 4.23 11.17 6.72
CA ALA A 174 3.19 12.11 7.16
C ALA A 174 2.18 12.32 6.03
N ARG A 175 2.64 12.31 4.78
CA ARG A 175 1.70 12.44 3.66
C ARG A 175 0.71 11.29 3.66
N ILE A 176 1.20 10.08 3.89
CA ILE A 176 0.37 8.90 3.97
C ILE A 176 -0.60 9.00 5.13
N LYS A 177 -0.10 9.34 6.31
CA LYS A 177 -0.96 9.48 7.48
C LYS A 177 -2.05 10.53 7.29
N THR A 178 -1.69 11.67 6.70
CA THR A 178 -2.66 12.73 6.45
C THR A 178 -3.78 12.22 5.54
N ARG A 179 -3.40 11.48 4.50
CA ARG A 179 -4.39 10.91 3.57
C ARG A 179 -5.34 9.92 4.26
N LEU A 180 -4.79 9.04 5.09
CA LEU A 180 -5.62 8.11 5.86
C LEU A 180 -6.57 8.85 6.80
N PHE A 181 -6.11 9.93 7.44
CA PHE A 181 -6.95 10.74 8.31
C PHE A 181 -8.09 11.32 7.48
N THR A 182 -7.77 11.77 6.27
CA THR A 182 -8.78 12.40 5.41
C THR A 182 -9.83 11.38 4.99
N ILE A 183 -9.37 10.19 4.64
CA ILE A 183 -10.29 9.11 4.25
C ILE A 183 -11.23 8.79 5.42
N ARG A 184 -10.66 8.63 6.62
CA ARG A 184 -11.45 8.37 7.82
C ARG A 184 -12.48 9.48 8.07
N GLN A 185 -12.02 10.73 7.99
CA GLN A 185 -12.91 11.86 8.24
C GLN A 185 -14.06 11.95 7.23
N GLU A 186 -13.76 11.73 5.97
CA GLU A 186 -14.78 11.78 4.92
C GLU A 186 -15.75 10.62 5.06
N MET A 187 -15.25 9.43 5.35
CA MET A 187 -16.15 8.30 5.59
C MET A 187 -17.07 8.59 6.77
N ALA A 188 -16.54 9.17 7.84
CA ALA A 188 -17.33 9.52 9.00
C ALA A 188 -18.44 10.51 8.65
N SER A 189 -18.13 11.49 7.81
CA SER A 189 -19.12 12.51 7.45
C SER A 189 -20.31 11.90 6.70
N ARG A 190 -20.06 10.77 6.04
CA ARG A 190 -21.06 10.04 5.26
C ARG A 190 -21.69 8.87 6.07
N SER A 191 -21.33 8.79 7.36
CA SER A 191 -21.76 7.72 8.26
C SER A 191 -21.37 6.30 7.80
N LEU A 192 -20.23 6.21 7.10
CA LEU A 192 -19.67 4.94 6.68
C LEU A 192 -18.50 4.39 7.50
N TRP A 193 -17.97 5.20 8.41
CA TRP A 193 -16.71 4.85 9.06
C TRP A 193 -16.86 3.72 10.08
N ASP A 194 -17.88 3.80 10.93
CA ASP A 194 -18.09 2.81 11.98
C ASP A 194 -18.13 1.40 11.40
N SER A 195 -18.92 1.22 10.36
CA SER A 195 -19.06 -0.09 9.73
C SER A 195 -17.77 -0.53 9.07
N PHE A 196 -17.12 0.39 8.38
CA PHE A 196 -15.86 0.10 7.71
C PHE A 196 -14.82 -0.35 8.74
N ARG A 197 -14.74 0.36 9.86
CA ARG A 197 -13.77 0.03 10.91
C ARG A 197 -14.09 -1.36 11.46
N GLN A 198 -15.36 -1.58 11.81
CA GLN A 198 -15.77 -2.81 12.46
C GLN A 198 -15.65 -4.04 11.57
N SER A 199 -15.69 -3.82 10.26
CA SER A 199 -15.67 -4.94 9.31
C SER A 199 -14.29 -5.58 9.12
N GLU A 200 -13.22 -4.97 9.62
CA GLU A 200 -11.90 -5.60 9.47
C GLU A 200 -11.86 -6.90 10.28
N ARG A 201 -11.34 -7.96 9.67
CA ARG A 201 -11.20 -9.24 10.37
C ARG A 201 -9.77 -9.77 10.26
N GLY A 202 -9.42 -10.68 11.17
CA GLY A 202 -8.12 -11.31 11.20
C GLY A 202 -7.93 -12.08 12.49
#